data_3TUS
#
_entry.id   3TUS
#
_cell.length_a   62.431
_cell.length_b   50.492
_cell.length_c   65.404
_cell.angle_alpha   90.00
_cell.angle_beta   107.32
_cell.angle_gamma   90.00
#
_symmetry.space_group_name_H-M   'P 1 21 1'
#
loop_
_entity.id
_entity.type
_entity.pdbx_description
1 polymer Lactotransferrin
2 branched 2-acetamido-2-deoxy-beta-D-glucopyranose-(1-4)-2-acetamido-2-deoxy-beta-D-glucopyranose
3 non-polymer 2-acetamido-2-deoxy-beta-D-glucopyranose
4 non-polymer 'FE (III) ION'
5 non-polymer 'ZINC ION'
6 non-polymer 'CARBONATE ION'
7 non-polymer 'SULFATE ION'
8 non-polymer '3-HYDROXYBENZOIC ACID'
9 water water
#
_entity_poly.entity_id   1
_entity_poly.type   'polypeptide(L)'
_entity_poly.pdbx_seq_one_letter_code
;YTRVVWCAVGPEEQKKCQQWSQQSGQNVTCATASTTDDCIVLVLKGEADALNLDGGYIYTAGKCGLVPVLAENRKSSKHS
SLDCVLRPTEGYLAVAVVKKANEGLTWNSLKDKKSCHTAVDRTAGWNIPMGLIVNQTGSCAFDEFFSQSCAPGADPKSRL
CALCAGDDQGLDKCVPNSKEKYYGYTGAFRCLAEDVGDVAFVKNDTVWENTNGESTADWAKNLKREDFRLLCLDGTRKPV
TEAQSCHLAVAPNHAVVSRSDRAAHVEQVLLHQQALFGKNGKNCPDKFCLFKSETKNLLFNDNTECLAKLGGRPTYEEYL
GTEYVTAIANLKKCSTSPLLEACAF
;
_entity_poly.pdbx_strand_id   A
#
loop_
_chem_comp.id
_chem_comp.type
_chem_comp.name
_chem_comp.formula
3HB non-polymer '3-HYDROXYBENZOIC ACID' 'C7 H6 O3'
CO3 non-polymer 'CARBONATE ION' 'C O3 -2'
FE non-polymer 'FE (III) ION' 'Fe 3'
NAG D-saccharide, beta linking 2-acetamido-2-deoxy-beta-D-glucopyranose 'C8 H15 N O6'
SO4 non-polymer 'SULFATE ION' 'O4 S -2'
ZN non-polymer 'ZINC ION' 'Zn 2'
#
# COMPACT_ATOMS: atom_id res chain seq x y z
N TYR A 1 18.79 18.36 -13.59
CA TYR A 1 18.69 17.01 -14.21
C TYR A 1 19.93 16.16 -14.12
N THR A 2 19.67 14.86 -14.02
CA THR A 2 20.66 13.79 -14.11
C THR A 2 19.79 12.54 -14.04
N ARG A 3 20.43 11.37 -14.12
CA ARG A 3 19.69 10.12 -14.03
C ARG A 3 19.08 9.95 -12.61
N VAL A 4 17.91 9.32 -12.53
CA VAL A 4 17.26 9.05 -11.25
C VAL A 4 17.31 7.53 -11.01
N VAL A 5 17.87 7.14 -9.86
CA VAL A 5 17.93 5.73 -9.50
C VAL A 5 16.64 5.50 -8.70
N TRP A 6 15.91 4.44 -9.07
CA TRP A 6 14.68 4.08 -8.39
C TRP A 6 15.00 2.86 -7.54
N CYS A 7 14.36 2.75 -6.38
CA CYS A 7 14.58 1.58 -5.53
C CYS A 7 13.39 0.59 -5.64
N ALA A 8 13.64 -0.59 -6.22
CA ALA A 8 12.59 -1.61 -6.37
C ALA A 8 12.65 -2.59 -5.19
N VAL A 9 11.49 -2.97 -4.68
CA VAL A 9 11.38 -3.88 -3.55
C VAL A 9 10.95 -5.27 -4.00
N GLY A 10 11.91 -6.17 -4.07
CA GLY A 10 11.63 -7.51 -4.50
C GLY A 10 12.05 -7.70 -5.93
N PRO A 11 12.22 -8.95 -6.37
CA PRO A 11 12.61 -9.32 -7.73
C PRO A 11 11.62 -8.98 -8.82
N GLU A 12 10.34 -8.91 -8.45
CA GLU A 12 9.29 -8.59 -9.38
C GLU A 12 9.34 -7.09 -9.76
N GLU A 13 9.47 -6.21 -8.76
CA GLU A 13 9.55 -4.76 -9.02
C GLU A 13 10.92 -4.49 -9.69
N GLN A 14 11.91 -5.33 -9.37
CA GLN A 14 13.26 -5.23 -9.94
C GLN A 14 13.07 -5.44 -11.46
N LYS A 15 12.34 -6.51 -11.82
CA LYS A 15 12.08 -6.83 -13.22
C LYS A 15 11.33 -5.66 -13.87
N LYS A 16 10.35 -5.07 -13.17
CA LYS A 16 9.61 -3.95 -13.75
C LYS A 16 10.43 -2.67 -13.89
N CYS A 17 11.27 -2.40 -12.90
CA CYS A 17 12.11 -1.20 -12.93
C CYS A 17 13.07 -1.31 -14.11
N GLN A 18 13.77 -2.45 -14.20
CA GLN A 18 14.71 -2.68 -15.30
C GLN A 18 14.11 -2.35 -16.68
N GLN A 19 12.86 -2.69 -16.87
CA GLN A 19 12.11 -2.39 -18.06
C GLN A 19 11.83 -0.92 -18.30
N TRP A 20 11.32 -0.25 -17.31
CA TRP A 20 11.22 1.17 -17.31
C TRP A 20 12.54 1.77 -17.68
N SER A 21 13.59 1.30 -17.03
CA SER A 21 14.96 1.79 -17.25
C SER A 21 15.34 1.61 -18.73
N GLN A 22 15.33 0.39 -19.21
CA GLN A 22 15.59 0.13 -20.60
C GLN A 22 14.87 1.08 -21.53
N GLN A 23 13.60 1.28 -21.26
CA GLN A 23 12.74 2.19 -22.02
C GLN A 23 12.94 3.68 -21.78
N SER A 24 13.62 4.05 -20.70
CA SER A 24 13.88 5.47 -20.46
C SER A 24 15.27 5.79 -21.05
N GLY A 25 15.93 4.77 -21.60
CA GLY A 25 17.25 4.92 -22.20
C GLY A 25 18.17 5.33 -21.07
N GLN A 26 18.12 4.52 -20.04
CA GLN A 26 18.83 4.71 -18.78
C GLN A 26 18.64 6.12 -18.18
N ASN A 27 17.49 6.72 -18.43
CA ASN A 27 17.14 7.97 -17.77
C ASN A 27 16.79 7.76 -16.39
N VAL A 28 16.26 6.61 -16.10
CA VAL A 28 16.06 6.15 -14.73
C VAL A 28 16.71 4.76 -14.65
N THR A 29 17.49 4.53 -13.59
CA THR A 29 18.11 3.22 -13.38
C THR A 29 17.50 2.65 -12.10
N CYS A 30 17.90 1.43 -11.79
CA CYS A 30 17.34 0.66 -10.69
C CYS A 30 18.24 0.15 -9.64
N ALA A 31 17.71 0.10 -8.42
CA ALA A 31 18.43 -0.46 -7.31
C ALA A 31 17.38 -1.31 -6.64
N THR A 32 17.75 -2.53 -6.28
CA THR A 32 16.81 -3.42 -5.61
C THR A 32 17.28 -3.66 -4.18
N ALA A 33 16.31 -3.98 -3.32
CA ALA A 33 16.56 -4.33 -1.92
C ALA A 33 15.37 -5.23 -1.50
N SER A 34 15.51 -5.96 -0.39
CA SER A 34 14.49 -6.91 0.07
C SER A 34 13.27 -6.42 0.78
N THR A 35 13.31 -5.18 1.22
CA THR A 35 12.18 -4.64 1.93
C THR A 35 12.21 -3.13 1.74
N THR A 36 11.08 -2.50 2.00
CA THR A 36 10.91 -1.05 1.90
C THR A 36 11.84 -0.34 2.94
N ASP A 37 12.01 -0.92 4.12
CA ASP A 37 12.90 -0.32 5.12
C ASP A 37 14.32 -0.26 4.53
N ASP A 38 14.72 -1.30 3.79
CA ASP A 38 16.04 -1.33 3.17
C ASP A 38 16.18 -0.26 2.07
N CYS A 39 15.10 -0.02 1.34
CA CYS A 39 15.07 0.99 0.28
C CYS A 39 15.06 2.40 0.83
N ILE A 40 14.49 2.56 2.03
CA ILE A 40 14.47 3.87 2.70
C ILE A 40 15.98 4.08 2.99
N VAL A 41 16.65 3.05 3.53
CA VAL A 41 18.07 3.11 3.86
C VAL A 41 18.95 3.44 2.64
N LEU A 42 18.81 2.73 1.51
CA LEU A 42 19.64 3.04 0.34
C LEU A 42 19.49 4.54 -0.02
N VAL A 43 18.29 5.09 0.07
CA VAL A 43 18.05 6.49 -0.23
C VAL A 43 18.82 7.45 0.72
N LEU A 44 18.81 7.16 2.03
CA LEU A 44 19.52 7.99 3.01
C LEU A 44 21.02 7.95 2.67
N LYS A 45 21.47 6.77 2.25
CA LYS A 45 22.88 6.62 1.91
C LYS A 45 23.19 7.37 0.66
N GLY A 46 22.19 7.49 -0.20
CA GLY A 46 22.37 8.21 -1.45
C GLY A 46 22.59 7.32 -2.65
N GLU A 47 22.44 6.01 -2.44
CA GLU A 47 22.62 5.04 -3.52
C GLU A 47 21.33 4.84 -4.33
N ALA A 48 20.22 5.38 -3.82
CA ALA A 48 18.96 5.41 -4.61
C ALA A 48 18.41 6.83 -4.42
N ASP A 49 17.53 7.25 -5.31
CA ASP A 49 16.93 8.59 -5.28
C ASP A 49 15.50 8.67 -4.80
N ALA A 50 14.73 7.65 -5.14
CA ALA A 50 13.31 7.71 -4.86
C ALA A 50 12.54 6.44 -5.05
N LEU A 51 11.45 6.32 -4.30
CA LEU A 51 10.52 5.21 -4.46
C LEU A 51 9.12 5.69 -4.00
N ASN A 52 8.08 4.95 -4.40
CA ASN A 52 6.66 5.22 -4.09
C ASN A 52 6.33 4.49 -2.77
N LEU A 53 5.67 5.20 -1.87
CA LEU A 53 5.40 4.70 -0.52
C LEU A 53 4.05 4.84 0.16
N ASP A 54 3.61 3.78 0.82
CA ASP A 54 2.37 3.84 1.58
C ASP A 54 2.64 4.81 2.77
N GLY A 55 1.59 5.50 3.22
CA GLY A 55 1.68 6.43 4.33
C GLY A 55 2.43 5.98 5.58
N GLY A 56 2.26 4.72 5.98
CA GLY A 56 2.96 4.22 7.15
C GLY A 56 4.48 4.31 7.02
N TYR A 57 4.95 4.06 5.80
CA TYR A 57 6.37 4.11 5.47
C TYR A 57 6.82 5.56 5.32
N ILE A 58 5.94 6.40 4.75
CA ILE A 58 6.18 7.84 4.56
C ILE A 58 6.56 8.37 5.95
N TYR A 59 5.96 7.77 6.99
CA TYR A 59 6.19 8.16 8.38
C TYR A 59 7.59 7.73 8.85
N THR A 60 8.03 6.54 8.44
CA THR A 60 9.35 6.03 8.78
C THR A 60 10.37 6.96 8.10
N ALA A 61 10.23 7.11 6.77
CA ALA A 61 11.09 7.94 5.92
C ALA A 61 11.16 9.40 6.36
N GLY A 62 10.01 9.94 6.77
CA GLY A 62 9.93 11.33 7.21
C GLY A 62 10.73 11.65 8.47
N LYS A 63 10.74 10.73 9.43
CA LYS A 63 11.48 10.93 10.67
C LYS A 63 12.98 10.94 10.40
N CYS A 64 13.32 10.30 9.27
CA CYS A 64 14.69 10.21 8.80
C CYS A 64 15.00 11.29 7.77
N GLY A 65 14.07 12.21 7.54
CA GLY A 65 14.36 13.29 6.61
C GLY A 65 13.87 13.31 5.19
N LEU A 66 13.49 12.15 4.68
CA LEU A 66 13.02 12.09 3.30
C LEU A 66 11.69 12.85 3.24
N VAL A 67 11.44 13.53 2.12
CA VAL A 67 10.23 14.32 1.96
C VAL A 67 9.29 13.81 0.87
N PRO A 68 7.98 14.14 0.96
CA PRO A 68 7.05 13.68 -0.09
C PRO A 68 7.30 14.64 -1.28
N VAL A 69 7.29 14.10 -2.49
CA VAL A 69 7.57 14.82 -3.74
C VAL A 69 6.44 14.97 -4.77
N LEU A 70 5.68 13.90 -4.89
CA LEU A 70 4.54 13.81 -5.79
C LEU A 70 3.72 12.68 -5.23
N ALA A 71 2.41 12.80 -5.32
CA ALA A 71 1.51 11.80 -4.82
C ALA A 71 0.71 11.10 -5.91
N GLU A 72 0.23 9.92 -5.56
CA GLU A 72 -0.58 9.11 -6.46
C GLU A 72 -1.98 9.75 -6.57
N ASN A 73 -2.52 9.77 -7.77
CA ASN A 73 -3.84 10.31 -7.98
C ASN A 73 -4.63 9.29 -8.79
N ARG A 74 -5.68 8.75 -8.19
CA ARG A 74 -6.51 7.74 -8.84
C ARG A 74 -7.71 8.38 -9.56
N LYS A 75 -8.40 7.60 -10.40
CA LYS A 75 -9.54 8.10 -11.18
C LYS A 75 -10.44 8.90 -10.22
N SER A 76 -10.69 10.17 -10.57
CA SER A 76 -11.47 11.06 -9.73
C SER A 76 -12.93 10.72 -9.58
N SER A 77 -13.43 10.90 -8.36
CA SER A 77 -14.81 10.61 -8.05
C SER A 77 -15.76 11.31 -9.03
N LYS A 78 -15.64 12.64 -9.08
CA LYS A 78 -16.47 13.48 -9.92
C LYS A 78 -15.77 14.03 -11.17
N HIS A 79 -16.46 14.92 -11.88
CA HIS A 79 -16.02 15.39 -13.19
C HIS A 79 -15.05 16.56 -12.98
N SER A 80 -13.82 16.23 -12.60
CA SER A 80 -12.83 17.27 -12.42
C SER A 80 -11.93 17.08 -13.66
N SER A 81 -12.00 18.05 -14.58
CA SER A 81 -11.15 18.05 -15.77
C SER A 81 -10.04 19.10 -15.54
N LEU A 82 -10.04 19.68 -14.35
CA LEU A 82 -8.94 20.45 -13.83
C LEU A 82 -7.89 19.40 -13.59
N ASP A 83 -6.76 19.53 -14.24
CA ASP A 83 -5.78 18.46 -14.32
C ASP A 83 -5.45 17.51 -13.21
N CYS A 84 -5.13 16.29 -13.61
CA CYS A 84 -4.76 15.23 -12.70
C CYS A 84 -3.48 15.64 -11.95
N VAL A 85 -2.59 16.31 -12.68
CA VAL A 85 -1.33 16.72 -12.09
C VAL A 85 -1.47 17.82 -11.05
N LEU A 86 -2.55 18.60 -11.18
CA LEU A 86 -2.81 19.72 -10.29
C LEU A 86 -3.99 19.47 -9.38
N ARG A 87 -4.80 18.49 -9.74
CA ARG A 87 -5.97 18.14 -8.95
C ARG A 87 -5.51 17.53 -7.63
N PRO A 88 -6.07 18.01 -6.52
CA PRO A 88 -5.75 17.53 -5.17
C PRO A 88 -6.18 16.09 -4.96
N THR A 89 -5.27 15.27 -4.41
CA THR A 89 -5.51 13.86 -4.11
C THR A 89 -6.74 13.72 -3.19
N GLU A 90 -7.33 12.53 -3.17
CA GLU A 90 -8.53 12.33 -2.35
C GLU A 90 -8.37 11.61 -1.02
N GLY A 91 -7.42 10.67 -0.99
CA GLY A 91 -7.21 9.87 0.19
C GLY A 91 -8.01 8.60 -0.18
N TYR A 92 -7.50 7.41 0.12
CA TYR A 92 -8.25 6.20 -0.20
C TYR A 92 -8.92 5.66 1.07
N LEU A 93 -9.93 4.81 0.91
CA LEU A 93 -10.68 4.30 2.07
C LEU A 93 -10.11 3.01 2.63
N ALA A 94 -9.93 2.96 3.95
CA ALA A 94 -9.40 1.76 4.56
C ALA A 94 -10.60 1.00 5.10
N VAL A 95 -10.72 -0.25 4.66
CA VAL A 95 -11.84 -1.09 5.06
C VAL A 95 -11.42 -2.44 5.61
N ALA A 96 -12.40 -3.15 6.18
CA ALA A 96 -12.20 -4.50 6.73
C ALA A 96 -13.22 -5.31 5.95
N VAL A 97 -12.74 -6.35 5.28
CA VAL A 97 -13.59 -7.20 4.45
C VAL A 97 -13.64 -8.65 4.91
N VAL A 98 -14.84 -9.20 4.87
CA VAL A 98 -15.09 -10.60 5.23
C VAL A 98 -15.94 -11.23 4.14
N LYS A 99 -16.05 -12.55 4.23
CA LYS A 99 -16.92 -13.32 3.39
C LYS A 99 -18.30 -13.24 3.94
N LYS A 100 -19.29 -13.10 3.08
CA LYS A 100 -20.69 -13.00 3.52
C LYS A 100 -21.13 -14.31 4.22
N ALA A 101 -20.61 -15.44 3.76
CA ALA A 101 -20.91 -16.74 4.35
C ALA A 101 -20.50 -16.80 5.84
N ASN A 102 -19.48 -16.04 6.27
CA ASN A 102 -19.05 -16.05 7.68
C ASN A 102 -20.07 -15.08 8.31
N GLU A 103 -21.25 -15.62 8.60
CA GLU A 103 -22.38 -14.88 9.15
C GLU A 103 -22.40 -14.12 10.45
N GLY A 104 -21.82 -14.70 11.49
CA GLY A 104 -21.82 -13.98 12.73
C GLY A 104 -20.68 -13.01 12.95
N LEU A 105 -19.84 -12.82 11.95
CA LEU A 105 -18.71 -11.92 12.14
C LEU A 105 -18.86 -10.41 11.98
N THR A 106 -18.58 -9.70 13.08
CA THR A 106 -18.61 -8.25 13.10
C THR A 106 -17.36 -7.75 13.84
N TRP A 107 -17.13 -6.44 13.76
CA TRP A 107 -16.00 -5.78 14.43
C TRP A 107 -15.94 -6.17 15.90
N ASN A 108 -17.10 -6.37 16.53
CA ASN A 108 -17.17 -6.74 17.95
C ASN A 108 -16.87 -8.20 18.21
N SER A 109 -16.75 -9.01 17.16
CA SER A 109 -16.44 -10.42 17.38
C SER A 109 -15.15 -10.88 16.66
N LEU A 110 -14.23 -9.95 16.41
CA LEU A 110 -12.97 -10.31 15.73
C LEU A 110 -11.96 -11.00 16.65
N LYS A 111 -12.15 -10.92 17.96
CA LYS A 111 -11.19 -11.59 18.83
C LYS A 111 -11.11 -13.06 18.42
N ASP A 112 -9.88 -13.54 18.33
CA ASP A 112 -9.56 -14.92 18.00
C ASP A 112 -9.84 -15.43 16.61
N LYS A 113 -10.09 -14.54 15.69
CA LYS A 113 -10.31 -14.95 14.34
C LYS A 113 -9.01 -14.93 13.58
N LYS A 114 -9.06 -15.30 12.32
CA LYS A 114 -7.90 -15.26 11.48
C LYS A 114 -7.84 -14.09 10.54
N SER A 115 -6.70 -13.40 10.51
CA SER A 115 -6.58 -12.16 9.75
C SER A 115 -5.56 -12.07 8.62
N CYS A 116 -5.78 -11.15 7.68
CA CYS A 116 -4.90 -10.96 6.55
C CYS A 116 -4.53 -9.49 6.40
N HIS A 117 -3.25 -9.20 6.56
CA HIS A 117 -2.77 -7.84 6.47
C HIS A 117 -1.87 -7.66 5.24
N THR A 118 -1.97 -6.48 4.62
CA THR A 118 -1.16 -6.13 3.45
C THR A 118 0.31 -6.34 3.86
N ALA A 119 0.71 -5.70 4.96
CA ALA A 119 2.06 -5.75 5.57
C ALA A 119 2.14 -4.91 6.85
N VAL A 120 3.00 -5.32 7.77
CA VAL A 120 3.19 -4.61 9.03
C VAL A 120 3.66 -3.20 8.65
N ASP A 121 3.20 -2.19 9.38
CA ASP A 121 3.56 -0.79 9.13
C ASP A 121 2.87 -0.05 8.03
N ARG A 122 1.89 -0.69 7.39
CA ARG A 122 1.18 0.01 6.35
C ARG A 122 -0.11 0.58 6.91
N THR A 123 -0.65 1.57 6.21
CA THR A 123 -1.85 2.25 6.68
C THR A 123 -3.11 1.40 6.84
N ALA A 124 -3.64 0.90 5.74
CA ALA A 124 -4.84 0.09 5.81
C ALA A 124 -4.60 -1.32 6.33
N GLY A 125 -3.47 -1.90 5.97
CA GLY A 125 -3.21 -3.25 6.43
C GLY A 125 -2.79 -3.42 7.86
N TRP A 126 -2.33 -2.34 8.48
CA TRP A 126 -1.86 -2.43 9.83
C TRP A 126 -2.14 -1.31 10.82
N ASN A 127 -1.56 -0.15 10.53
CA ASN A 127 -1.71 1.01 11.41
C ASN A 127 -3.14 1.43 11.74
N ILE A 128 -4.03 1.46 10.74
CA ILE A 128 -5.42 1.85 11.02
C ILE A 128 -6.11 0.75 11.87
N PRO A 129 -6.30 -0.48 11.33
CA PRO A 129 -6.95 -1.55 12.13
C PRO A 129 -6.38 -1.95 13.48
N MET A 130 -5.06 -1.95 13.63
CA MET A 130 -4.45 -2.33 14.91
C MET A 130 -4.47 -1.16 15.90
N GLY A 131 -4.40 0.06 15.39
CA GLY A 131 -4.45 1.24 16.24
C GLY A 131 -5.82 1.20 16.91
N LEU A 132 -6.87 0.98 16.13
CA LEU A 132 -8.23 0.91 16.69
C LEU A 132 -8.33 -0.23 17.71
N ILE A 133 -7.80 -1.42 17.37
CA ILE A 133 -7.86 -2.58 18.27
C ILE A 133 -7.12 -2.39 19.59
N VAL A 134 -5.98 -1.71 19.58
CA VAL A 134 -5.27 -1.46 20.82
C VAL A 134 -6.18 -0.51 21.62
N ASN A 135 -6.61 0.58 20.99
CA ASN A 135 -7.41 1.60 21.65
C ASN A 135 -8.60 1.02 22.39
N GLN A 136 -9.33 0.13 21.73
CA GLN A 136 -10.48 -0.54 22.28
C GLN A 136 -10.21 -1.59 23.31
N THR A 137 -9.03 -2.21 23.26
CA THR A 137 -8.73 -3.24 24.24
C THR A 137 -7.87 -2.73 25.39
N GLY A 138 -7.52 -1.45 25.35
CA GLY A 138 -6.69 -0.86 26.39
C GLY A 138 -5.56 -1.81 26.71
N SER A 139 -4.94 -2.40 25.68
CA SER A 139 -3.85 -3.35 25.86
C SER A 139 -2.97 -3.39 24.61
N CYS A 140 -1.67 -3.44 24.82
CA CYS A 140 -0.73 -3.48 23.73
C CYS A 140 -0.51 -4.91 23.20
N ALA A 141 -1.12 -5.90 23.86
CA ALA A 141 -0.98 -7.31 23.46
C ALA A 141 -1.68 -7.63 22.13
N PHE A 142 -1.30 -6.89 21.10
CA PHE A 142 -1.88 -7.03 19.77
C PHE A 142 -1.39 -8.22 18.97
N ASP A 143 -0.36 -8.88 19.48
CA ASP A 143 0.18 -10.04 18.80
C ASP A 143 -0.66 -11.24 19.22
N GLU A 144 -1.59 -11.01 20.13
CA GLU A 144 -2.48 -12.05 20.68
C GLU A 144 -3.99 -11.87 20.40
N PHE A 145 -4.37 -10.85 19.64
CA PHE A 145 -5.78 -10.58 19.36
C PHE A 145 -6.41 -11.61 18.45
N PHE A 146 -5.75 -11.89 17.33
CA PHE A 146 -6.24 -12.88 16.38
C PHE A 146 -5.54 -14.20 16.76
N SER A 147 -6.01 -15.35 16.26
CA SER A 147 -5.34 -16.61 16.60
C SER A 147 -4.18 -16.89 15.65
N GLN A 148 -4.32 -16.43 14.42
CA GLN A 148 -3.31 -16.60 13.40
C GLN A 148 -3.43 -15.44 12.44
N SER A 149 -2.34 -15.14 11.76
CA SER A 149 -2.38 -14.07 10.78
C SER A 149 -1.34 -14.23 9.71
N CYS A 150 -1.54 -13.43 8.66
CA CYS A 150 -0.50 -13.31 7.66
C CYS A 150 -0.29 -11.75 7.67
N ALA A 151 0.72 -11.30 8.41
CA ALA A 151 1.09 -9.89 8.53
C ALA A 151 2.57 -9.83 8.11
N PRO A 152 2.83 -9.80 6.78
CA PRO A 152 4.20 -9.75 6.24
C PRO A 152 5.06 -8.71 6.93
N GLY A 153 6.24 -9.16 7.31
CA GLY A 153 7.15 -8.30 8.02
C GLY A 153 7.14 -8.70 9.52
N ALA A 154 6.24 -9.56 9.99
CA ALA A 154 6.29 -9.93 11.42
C ALA A 154 7.33 -11.09 11.53
N ASP A 155 7.50 -11.67 12.71
CA ASP A 155 8.45 -12.75 12.91
C ASP A 155 7.88 -14.03 12.29
N PRO A 156 8.55 -14.58 11.25
CA PRO A 156 8.15 -15.80 10.52
C PRO A 156 7.65 -16.97 11.39
N LYS A 157 8.20 -17.08 12.59
CA LYS A 157 7.83 -18.15 13.53
C LYS A 157 6.82 -17.71 14.58
N SER A 158 6.16 -16.58 14.37
CA SER A 158 5.15 -16.12 15.33
C SER A 158 3.77 -16.24 14.72
N ARG A 159 2.78 -16.11 15.60
CA ARG A 159 1.36 -16.12 15.27
C ARG A 159 1.11 -15.29 14.00
N LEU A 160 1.67 -14.08 14.00
CA LEU A 160 1.49 -13.13 12.91
C LEU A 160 1.86 -13.55 11.50
N CYS A 161 2.80 -14.49 11.41
CA CYS A 161 3.25 -14.98 10.12
C CYS A 161 2.69 -16.36 9.83
N ALA A 162 1.92 -16.90 10.75
CA ALA A 162 1.38 -18.24 10.59
C ALA A 162 0.52 -18.57 9.36
N LEU A 163 -0.14 -17.59 8.77
CA LEU A 163 -0.98 -17.86 7.59
C LEU A 163 -0.34 -17.52 6.25
N CYS A 164 0.88 -16.99 6.30
CA CYS A 164 1.65 -16.61 5.11
C CYS A 164 2.14 -17.87 4.41
N ALA A 165 2.43 -17.74 3.12
CA ALA A 165 2.80 -18.90 2.34
C ALA A 165 4.04 -18.84 1.47
N GLY A 166 4.73 -17.71 1.53
CA GLY A 166 5.94 -17.59 0.76
C GLY A 166 5.76 -17.73 -0.72
N ASP A 167 6.85 -17.98 -1.43
CA ASP A 167 6.81 -18.10 -2.89
C ASP A 167 6.44 -19.43 -3.51
N ASP A 168 6.68 -19.54 -4.81
CA ASP A 168 6.39 -20.75 -5.58
C ASP A 168 6.86 -21.99 -4.82
N GLN A 169 8.11 -21.94 -4.38
CA GLN A 169 8.76 -23.03 -3.66
C GLN A 169 8.43 -23.14 -2.17
N GLY A 170 7.65 -22.21 -1.66
CA GLY A 170 7.34 -22.25 -0.24
C GLY A 170 8.40 -21.51 0.56
N LEU A 171 9.27 -20.75 -0.11
CA LEU A 171 10.34 -20.02 0.58
C LEU A 171 9.95 -18.54 0.76
N ASP A 172 10.75 -17.81 1.51
CA ASP A 172 10.49 -16.40 1.72
C ASP A 172 9.19 -16.12 2.45
N LYS A 173 8.81 -17.04 3.32
CA LYS A 173 7.58 -16.87 4.06
C LYS A 173 7.58 -15.62 4.92
N CYS A 174 6.51 -14.85 4.77
CA CYS A 174 6.28 -13.63 5.51
C CYS A 174 7.13 -12.41 5.20
N VAL A 175 7.87 -12.47 4.11
CA VAL A 175 8.67 -11.31 3.71
C VAL A 175 7.74 -10.24 3.14
N PRO A 176 8.01 -8.98 3.50
CA PRO A 176 7.22 -7.84 3.04
C PRO A 176 7.56 -7.41 1.64
N ASN A 177 7.52 -8.36 0.71
CA ASN A 177 7.68 -8.01 -0.70
C ASN A 177 6.79 -8.95 -1.53
N SER A 178 6.60 -8.66 -2.81
CA SER A 178 5.68 -9.46 -3.62
C SER A 178 5.98 -10.95 -3.77
N LYS A 179 7.11 -11.39 -3.31
CA LYS A 179 7.45 -12.78 -3.29
C LYS A 179 6.53 -13.56 -2.37
N GLU A 180 6.12 -12.96 -1.25
CA GLU A 180 5.17 -13.56 -0.29
C GLU A 180 3.82 -13.46 -1.03
N LYS A 181 3.13 -14.60 -1.16
CA LYS A 181 1.85 -14.70 -1.86
C LYS A 181 0.75 -13.79 -1.33
N TYR A 182 0.68 -13.68 -0.01
CA TYR A 182 -0.34 -12.88 0.64
C TYR A 182 0.04 -11.46 1.05
N TYR A 183 1.09 -10.91 0.44
CA TYR A 183 1.53 -9.56 0.77
C TYR A 183 0.93 -8.47 -0.13
N GLY A 184 0.68 -7.31 0.46
CA GLY A 184 0.11 -6.19 -0.27
C GLY A 184 -1.41 -6.14 -0.30
N TYR A 185 -1.93 -5.22 -1.11
CA TYR A 185 -3.37 -5.06 -1.25
C TYR A 185 -4.02 -6.29 -1.87
N THR A 186 -3.36 -6.83 -2.89
CA THR A 186 -3.89 -8.00 -3.60
C THR A 186 -3.59 -9.30 -2.86
N GLY A 187 -2.44 -9.33 -2.18
CA GLY A 187 -2.03 -10.53 -1.46
C GLY A 187 -2.88 -10.79 -0.23
N ALA A 188 -3.30 -9.73 0.44
CA ALA A 188 -4.11 -9.86 1.66
C ALA A 188 -5.57 -10.15 1.30
N PHE A 189 -6.06 -9.70 0.15
CA PHE A 189 -7.44 -9.99 -0.23
C PHE A 189 -7.51 -11.44 -0.75
N ARG A 190 -6.41 -11.94 -1.31
CA ARG A 190 -6.35 -13.33 -1.80
C ARG A 190 -6.37 -14.25 -0.57
N CYS A 191 -5.73 -13.79 0.49
CA CYS A 191 -5.66 -14.53 1.74
C CYS A 191 -7.08 -14.82 2.28
N LEU A 192 -7.97 -13.84 2.12
CA LEU A 192 -9.37 -13.93 2.53
C LEU A 192 -10.17 -14.69 1.47
N ALA A 193 -9.89 -14.40 0.20
CA ALA A 193 -10.58 -15.03 -0.91
C ALA A 193 -10.46 -16.54 -0.86
N GLU A 194 -9.27 -17.01 -0.50
CA GLU A 194 -8.99 -18.45 -0.40
C GLU A 194 -9.37 -19.04 0.96
N ASP A 195 -9.90 -18.22 1.84
CA ASP A 195 -10.33 -18.68 3.16
C ASP A 195 -9.30 -19.13 4.15
N VAL A 196 -8.08 -18.67 3.89
CA VAL A 196 -6.94 -18.92 4.75
C VAL A 196 -7.34 -18.02 5.97
N GLY A 197 -7.79 -16.77 5.73
CA GLY A 197 -8.18 -15.93 6.86
C GLY A 197 -9.65 -15.55 6.86
N ASP A 198 -10.13 -15.07 8.01
CA ASP A 198 -11.52 -14.65 8.20
C ASP A 198 -11.79 -13.19 7.81
N VAL A 199 -10.78 -12.33 7.97
CA VAL A 199 -10.86 -10.91 7.67
C VAL A 199 -9.62 -10.39 6.94
N ALA A 200 -9.81 -9.41 6.07
CA ALA A 200 -8.72 -8.77 5.31
C ALA A 200 -8.85 -7.26 5.50
N PHE A 201 -7.70 -6.60 5.65
CA PHE A 201 -7.61 -5.16 5.87
C PHE A 201 -6.89 -4.60 4.67
N VAL A 202 -7.68 -4.01 3.78
CA VAL A 202 -7.20 -3.47 2.52
C VAL A 202 -7.91 -2.16 2.22
N LYS A 203 -7.74 -1.61 1.01
CA LYS A 203 -8.45 -0.39 0.69
C LYS A 203 -9.74 -0.76 -0.08
N ASN A 204 -10.67 0.17 -0.26
CA ASN A 204 -11.93 -0.07 -0.93
C ASN A 204 -11.71 -0.54 -2.32
N ASP A 205 -10.77 0.10 -2.99
CA ASP A 205 -10.46 -0.20 -4.38
C ASP A 205 -10.12 -1.68 -4.63
N THR A 206 -9.37 -2.27 -3.71
CA THR A 206 -8.92 -3.67 -3.89
C THR A 206 -10.08 -4.63 -4.11
N VAL A 207 -11.09 -4.50 -3.29
CA VAL A 207 -12.24 -5.37 -3.43
C VAL A 207 -12.82 -5.28 -4.83
N TRP A 208 -12.98 -4.07 -5.34
CA TRP A 208 -13.53 -3.84 -6.68
C TRP A 208 -12.69 -4.32 -7.83
N GLU A 209 -11.38 -4.16 -7.69
CA GLU A 209 -10.46 -4.55 -8.73
C GLU A 209 -10.18 -6.04 -8.89
N ASN A 210 -10.47 -6.86 -7.88
CA ASN A 210 -10.25 -8.31 -8.02
C ASN A 210 -11.55 -9.12 -8.00
N THR A 211 -12.66 -8.50 -8.38
CA THR A 211 -13.95 -9.18 -8.46
C THR A 211 -14.69 -8.90 -9.77
N ASN A 212 -15.74 -9.69 -10.01
CA ASN A 212 -16.59 -9.60 -11.21
C ASN A 212 -15.84 -9.62 -12.55
N GLY A 213 -14.71 -10.34 -12.58
CA GLY A 213 -13.94 -10.46 -13.80
C GLY A 213 -12.97 -9.36 -14.16
N GLU A 214 -12.77 -8.43 -13.22
CA GLU A 214 -11.87 -7.31 -13.43
C GLU A 214 -10.44 -7.84 -13.30
N SER A 215 -10.31 -9.01 -12.65
CA SER A 215 -9.01 -9.68 -12.53
C SER A 215 -9.18 -11.08 -13.19
N THR A 216 -8.29 -11.41 -14.12
CA THR A 216 -8.31 -12.69 -14.81
C THR A 216 -7.36 -13.70 -14.13
N ALA A 217 -7.02 -13.46 -12.87
CA ALA A 217 -6.12 -14.37 -12.15
C ALA A 217 -6.95 -15.59 -11.70
N ASP A 218 -6.33 -16.75 -11.53
CA ASP A 218 -7.06 -17.97 -11.15
C ASP A 218 -7.80 -17.93 -9.81
N TRP A 219 -7.22 -17.31 -8.79
CA TRP A 219 -7.88 -17.25 -7.49
C TRP A 219 -9.03 -16.25 -7.42
N ALA A 220 -9.01 -15.26 -8.33
CA ALA A 220 -10.00 -14.20 -8.34
C ALA A 220 -11.04 -14.16 -9.47
N LYS A 221 -10.74 -14.80 -10.60
CA LYS A 221 -11.64 -14.82 -11.75
C LYS A 221 -13.09 -15.18 -11.40
N ASN A 222 -13.28 -16.09 -10.44
CA ASN A 222 -14.63 -16.44 -10.00
C ASN A 222 -15.10 -15.69 -8.73
N LEU A 223 -14.59 -14.49 -8.48
CA LEU A 223 -15.05 -13.76 -7.29
C LEU A 223 -16.12 -12.71 -7.61
N LYS A 224 -17.14 -12.67 -6.75
CA LYS A 224 -18.25 -11.73 -6.89
C LYS A 224 -18.42 -10.90 -5.60
N ARG A 225 -18.63 -9.60 -5.79
CA ARG A 225 -18.82 -8.61 -4.71
C ARG A 225 -19.89 -8.97 -3.67
N GLU A 226 -21.03 -9.48 -4.11
CA GLU A 226 -22.13 -9.84 -3.20
C GLU A 226 -21.65 -10.87 -2.18
N ASP A 227 -20.63 -11.65 -2.54
CA ASP A 227 -20.10 -12.67 -1.65
C ASP A 227 -19.18 -12.09 -0.57
N PHE A 228 -19.03 -10.77 -0.57
CA PHE A 228 -18.23 -10.11 0.46
C PHE A 228 -19.04 -9.03 1.17
N ARG A 229 -18.60 -8.72 2.39
CA ARG A 229 -19.23 -7.68 3.18
C ARG A 229 -18.13 -6.84 3.83
N LEU A 230 -18.50 -5.69 4.39
CA LEU A 230 -17.55 -4.78 5.04
C LEU A 230 -17.88 -4.72 6.53
N LEU A 231 -16.89 -4.52 7.38
CA LEU A 231 -17.16 -4.45 8.81
C LEU A 231 -17.04 -3.00 9.32
N CYS A 232 -18.17 -2.45 9.75
CA CYS A 232 -18.15 -1.08 10.25
C CYS A 232 -17.87 -1.11 11.74
N LEU A 233 -17.47 0.05 12.25
CA LEU A 233 -17.12 0.24 13.66
C LEU A 233 -18.28 0.23 14.65
N ASP A 234 -19.50 0.38 14.14
CA ASP A 234 -20.71 0.36 14.99
C ASP A 234 -21.14 -1.10 15.21
N GLY A 235 -20.57 -2.01 14.41
CA GLY A 235 -20.87 -3.41 14.57
C GLY A 235 -21.73 -4.09 13.55
N THR A 236 -22.20 -3.30 12.59
CA THR A 236 -23.06 -3.80 11.53
C THR A 236 -22.14 -4.22 10.37
N ARG A 237 -22.75 -4.83 9.36
CA ARG A 237 -22.08 -5.30 8.16
C ARG A 237 -22.79 -4.64 7.00
N LYS A 238 -22.05 -4.36 5.94
CA LYS A 238 -22.59 -3.66 4.78
C LYS A 238 -22.05 -4.18 3.47
N PRO A 239 -22.78 -3.96 2.34
CA PRO A 239 -22.32 -4.44 1.03
C PRO A 239 -21.06 -3.61 0.74
N VAL A 240 -20.31 -4.02 -0.29
CA VAL A 240 -19.07 -3.35 -0.69
C VAL A 240 -19.29 -2.11 -1.51
N THR A 241 -20.55 -1.74 -1.63
CA THR A 241 -20.93 -0.55 -2.36
C THR A 241 -21.03 0.63 -1.39
N GLU A 242 -21.18 0.33 -0.09
CA GLU A 242 -21.31 1.35 0.96
C GLU A 242 -20.03 1.71 1.68
N ALA A 243 -18.92 1.68 1.00
CA ALA A 243 -17.69 2.06 1.60
C ALA A 243 -17.77 3.44 2.19
N GLN A 244 -18.40 4.38 1.49
CA GLN A 244 -18.44 5.76 1.91
C GLN A 244 -18.86 5.89 3.35
N SER A 245 -19.63 4.96 3.83
CA SER A 245 -20.21 5.07 5.15
C SER A 245 -19.74 4.01 6.07
N CYS A 246 -19.04 3.06 5.53
CA CYS A 246 -18.52 1.96 6.31
C CYS A 246 -17.05 1.68 6.03
N HIS A 247 -16.18 2.54 6.54
CA HIS A 247 -14.72 2.37 6.40
C HIS A 247 -14.11 2.58 7.80
N LEU A 248 -12.83 2.22 7.99
CA LEU A 248 -12.15 2.40 9.28
C LEU A 248 -11.54 3.80 9.35
N ALA A 249 -11.08 4.30 8.20
CA ALA A 249 -10.47 5.64 8.13
C ALA A 249 -10.21 5.96 6.68
N VAL A 250 -9.88 7.23 6.39
CA VAL A 250 -9.52 7.66 5.04
C VAL A 250 -7.99 7.74 5.17
N ALA A 251 -7.32 7.31 4.11
CA ALA A 251 -5.87 7.20 4.05
C ALA A 251 -5.18 8.10 3.05
N PRO A 252 -4.02 8.66 3.43
CA PRO A 252 -3.27 9.54 2.54
C PRO A 252 -2.76 8.71 1.37
N ASN A 253 -2.90 9.22 0.17
CA ASN A 253 -2.43 8.46 -0.97
C ASN A 253 -0.96 8.18 -0.85
N HIS A 254 -0.58 7.02 -1.33
CA HIS A 254 0.80 6.61 -1.38
C HIS A 254 1.46 7.81 -2.13
N ALA A 255 2.75 8.02 -1.87
CA ALA A 255 3.50 9.10 -2.46
C ALA A 255 4.98 8.78 -2.60
N VAL A 256 5.56 9.42 -3.60
CA VAL A 256 6.97 9.27 -3.93
C VAL A 256 7.74 10.17 -2.99
N VAL A 257 8.82 9.64 -2.47
CA VAL A 257 9.63 10.41 -1.56
C VAL A 257 11.08 10.33 -1.98
N SER A 258 11.81 11.36 -1.66
CA SER A 258 13.22 11.37 -1.97
C SER A 258 13.81 12.16 -0.81
N ARG A 259 15.13 12.28 -0.84
CA ARG A 259 15.88 13.04 0.14
C ARG A 259 15.59 14.53 -0.25
N SER A 260 15.43 15.42 0.73
CA SER A 260 15.17 16.84 0.45
C SER A 260 16.03 17.46 -0.66
N ASP A 261 17.32 17.19 -0.61
CA ASP A 261 18.32 17.68 -1.57
C ASP A 261 18.14 17.29 -3.03
N ARG A 262 17.48 16.17 -3.24
CA ARG A 262 17.31 15.64 -4.58
C ARG A 262 15.90 15.67 -5.06
N ALA A 263 15.02 16.11 -4.16
CA ALA A 263 13.60 16.18 -4.40
C ALA A 263 13.17 16.93 -5.64
N ALA A 264 13.83 18.03 -5.97
CA ALA A 264 13.48 18.81 -7.16
C ALA A 264 13.87 18.08 -8.46
N HIS A 265 15.08 17.54 -8.52
CA HIS A 265 15.56 16.80 -9.69
C HIS A 265 14.62 15.61 -9.99
N VAL A 266 14.21 14.91 -8.94
CA VAL A 266 13.32 13.75 -9.05
C VAL A 266 11.94 14.18 -9.55
N GLU A 267 11.46 15.29 -9.01
CA GLU A 267 10.16 15.84 -9.38
C GLU A 267 10.10 16.11 -10.89
N GLN A 268 11.11 16.80 -11.41
CA GLN A 268 11.18 17.10 -12.83
C GLN A 268 11.30 15.82 -13.68
N VAL A 269 12.13 14.88 -13.25
CA VAL A 269 12.30 13.66 -14.03
C VAL A 269 11.04 12.83 -14.13
N LEU A 270 10.29 12.76 -13.02
CA LEU A 270 9.05 11.99 -12.95
C LEU A 270 7.92 12.57 -13.78
N LEU A 271 7.76 13.90 -13.76
CA LEU A 271 6.72 14.56 -14.52
C LEU A 271 6.98 14.29 -16.01
N HIS A 272 8.25 14.38 -16.43
CA HIS A 272 8.60 14.10 -17.83
C HIS A 272 8.36 12.60 -18.12
N GLN A 273 8.72 11.72 -17.18
CA GLN A 273 8.55 10.27 -17.37
C GLN A 273 7.10 9.81 -17.48
N GLN A 274 6.20 10.45 -16.73
CA GLN A 274 4.80 10.06 -16.81
C GLN A 274 4.22 10.59 -18.13
N ALA A 275 4.84 11.63 -18.69
CA ALA A 275 4.41 12.20 -19.97
C ALA A 275 4.57 11.14 -21.07
N LEU A 276 5.56 10.26 -20.96
CA LEU A 276 5.77 9.21 -21.98
C LEU A 276 5.22 7.85 -21.54
N PHE A 277 5.04 7.65 -20.24
CA PHE A 277 4.62 6.36 -19.70
C PHE A 277 3.43 6.33 -18.76
N GLY A 278 2.84 7.49 -18.54
CA GLY A 278 1.69 7.54 -17.67
C GLY A 278 0.42 7.23 -18.47
N LYS A 279 -0.74 7.51 -17.88
CA LYS A 279 -2.01 7.26 -18.55
C LYS A 279 -2.04 8.33 -19.66
N ASN A 280 -2.44 7.90 -20.84
CA ASN A 280 -2.49 8.72 -22.06
C ASN A 280 -1.04 9.12 -22.44
N GLY A 281 -0.05 8.53 -21.76
CA GLY A 281 1.35 8.81 -22.04
C GLY A 281 1.71 8.49 -23.49
N LYS A 282 2.81 9.07 -23.96
CA LYS A 282 3.28 8.88 -25.32
C LYS A 282 3.55 7.44 -25.76
N ASN A 283 4.25 6.71 -24.89
CA ASN A 283 4.64 5.31 -25.12
C ASN A 283 3.77 4.28 -24.44
N CYS A 284 2.65 4.73 -23.86
CA CYS A 284 1.70 3.83 -23.19
C CYS A 284 0.45 3.90 -24.11
N PRO A 285 -0.20 2.75 -24.38
CA PRO A 285 0.22 1.36 -24.11
C PRO A 285 1.30 0.78 -24.97
N ASP A 286 1.37 1.26 -26.21
CA ASP A 286 2.33 0.81 -27.21
C ASP A 286 3.59 0.08 -26.76
N LYS A 287 4.37 0.74 -25.91
CA LYS A 287 5.64 0.18 -25.49
C LYS A 287 5.84 -0.08 -24.02
N PHE A 288 5.37 0.83 -23.18
CA PHE A 288 5.51 0.67 -21.74
C PHE A 288 4.61 1.61 -20.93
N CYS A 289 4.00 1.04 -19.90
CA CYS A 289 3.14 1.79 -19.01
C CYS A 289 3.63 1.64 -17.58
N LEU A 290 3.87 2.78 -16.96
CA LEU A 290 4.35 2.85 -15.59
C LEU A 290 3.30 2.36 -14.59
N PHE A 291 2.03 2.66 -14.85
CA PHE A 291 0.94 2.30 -13.95
C PHE A 291 0.28 0.94 -14.15
N LYS A 292 0.91 0.07 -14.93
CA LYS A 292 0.39 -1.27 -15.16
C LYS A 292 1.37 -2.38 -14.81
N SER A 293 0.89 -3.36 -14.03
CA SER A 293 1.69 -4.51 -13.64
C SER A 293 0.80 -5.73 -13.42
N GLU A 294 -0.19 -5.90 -14.30
CA GLU A 294 -1.15 -7.02 -14.26
C GLU A 294 -1.69 -7.25 -12.83
N THR A 295 -2.24 -6.20 -12.23
CA THR A 295 -2.80 -6.15 -10.87
C THR A 295 -1.87 -6.46 -9.72
N LYS A 296 -0.56 -6.59 -10.00
CA LYS A 296 0.41 -6.91 -8.96
C LYS A 296 0.84 -5.70 -8.12
N ASN A 297 0.45 -4.51 -8.56
CA ASN A 297 0.79 -3.24 -7.90
C ASN A 297 2.32 -3.06 -7.75
N LEU A 298 3.05 -3.18 -8.86
CA LEU A 298 4.52 -3.02 -8.83
C LEU A 298 4.98 -1.57 -9.05
N LEU A 299 5.67 -1.06 -8.03
CA LEU A 299 6.24 0.29 -7.89
C LEU A 299 5.14 1.37 -7.73
N PHE A 300 3.95 1.10 -8.28
CA PHE A 300 2.81 2.00 -8.19
C PHE A 300 1.53 1.21 -8.25
N ASN A 301 0.54 1.62 -7.46
CA ASN A 301 -0.76 0.96 -7.48
C ASN A 301 -1.19 1.08 -8.95
N ASP A 302 -1.88 0.04 -9.41
CA ASP A 302 -2.34 -0.04 -10.79
C ASP A 302 -3.44 0.93 -11.17
N ASN A 303 -4.12 1.46 -10.17
CA ASN A 303 -5.18 2.39 -10.48
C ASN A 303 -4.77 3.85 -10.51
N THR A 304 -3.47 4.13 -10.63
CA THR A 304 -3.02 5.51 -10.68
C THR A 304 -3.20 6.12 -12.07
N GLU A 305 -3.79 7.31 -12.14
CA GLU A 305 -3.94 7.95 -13.44
C GLU A 305 -2.72 8.86 -13.64
N CYS A 306 -2.16 9.38 -12.54
CA CYS A 306 -0.98 10.24 -12.63
C CYS A 306 -0.41 10.50 -11.24
N LEU A 307 0.80 11.04 -11.21
CA LEU A 307 1.45 11.41 -9.95
C LEU A 307 1.16 12.95 -9.92
N ALA A 308 0.39 13.41 -8.95
CA ALA A 308 0.04 14.82 -8.81
C ALA A 308 1.10 15.58 -8.04
N LYS A 309 1.09 16.91 -8.20
CA LYS A 309 2.03 17.80 -7.49
C LYS A 309 1.35 18.08 -6.13
N LEU A 310 2.14 18.35 -5.09
CA LEU A 310 1.55 18.63 -3.78
C LEU A 310 1.44 20.12 -3.52
N GLY A 311 0.21 20.57 -3.33
CA GLY A 311 0.01 21.97 -3.07
C GLY A 311 0.33 22.31 -1.64
N GLY A 312 1.21 23.30 -1.47
CA GLY A 312 1.62 23.73 -0.14
C GLY A 312 2.99 23.28 0.28
N ARG A 313 3.74 22.67 -0.64
CA ARG A 313 5.07 22.15 -0.40
C ARG A 313 5.07 21.64 1.03
N PRO A 314 4.25 20.59 1.27
CA PRO A 314 4.19 20.04 2.62
C PRO A 314 5.24 19.13 3.18
N THR A 315 5.32 19.17 4.51
CA THR A 315 6.25 18.30 5.20
C THR A 315 5.47 16.96 5.29
N TYR A 316 6.15 15.91 5.75
CA TYR A 316 5.53 14.59 5.87
C TYR A 316 4.42 14.59 6.93
N GLU A 317 4.41 15.57 7.83
CA GLU A 317 3.36 15.65 8.86
C GLU A 317 2.14 16.30 8.24
N GLU A 318 2.37 17.37 7.48
CA GLU A 318 1.26 18.04 6.82
C GLU A 318 0.68 17.12 5.76
N TYR A 319 1.53 16.36 5.05
CA TYR A 319 1.02 15.46 4.02
C TYR A 319 0.28 14.29 4.66
N LEU A 320 0.84 13.67 5.70
CA LEU A 320 0.16 12.56 6.36
C LEU A 320 -1.04 13.06 7.20
N GLY A 321 -1.02 14.34 7.58
CA GLY A 321 -2.12 14.90 8.36
C GLY A 321 -1.98 14.67 9.84
N THR A 322 -2.43 15.63 10.65
CA THR A 322 -2.33 15.54 12.11
C THR A 322 -3.03 14.37 12.79
N GLU A 323 -4.20 14.02 12.30
CA GLU A 323 -4.95 12.87 12.82
C GLU A 323 -4.17 11.56 12.90
N TYR A 324 -3.75 11.15 11.70
CA TYR A 324 -2.94 9.98 11.49
C TYR A 324 -1.59 9.90 12.17
N VAL A 325 -0.84 10.99 12.17
CA VAL A 325 0.48 10.99 12.77
C VAL A 325 0.48 10.72 14.27
N THR A 326 -0.56 11.15 14.98
CA THR A 326 -0.59 10.86 16.40
C THR A 326 -1.14 9.42 16.58
N ALA A 327 -1.87 8.92 15.58
CA ALA A 327 -2.41 7.54 15.64
C ALA A 327 -1.18 6.61 15.53
N ILE A 328 -0.32 6.82 14.53
CA ILE A 328 0.87 6.00 14.35
C ILE A 328 1.81 6.10 15.58
N ALA A 329 1.95 7.29 16.18
CA ALA A 329 2.86 7.46 17.34
C ALA A 329 2.45 6.68 18.59
N ASN A 330 1.19 6.83 19.01
CA ASN A 330 0.65 6.12 20.18
C ASN A 330 0.71 4.60 19.93
N LEU A 331 0.27 4.14 18.75
CA LEU A 331 0.31 2.70 18.41
C LEU A 331 1.77 2.24 18.55
N LYS A 332 2.71 3.03 18.02
CA LYS A 332 4.12 2.66 18.12
C LYS A 332 4.71 2.81 19.53
N LYS A 333 3.93 3.33 20.49
CA LYS A 333 4.39 3.45 21.89
C LYS A 333 4.36 2.03 22.46
N CYS A 334 3.53 1.16 21.86
CA CYS A 334 3.41 -0.24 22.27
C CYS A 334 4.69 -1.04 21.93
N SER A 335 5.64 -0.41 21.22
CA SER A 335 6.93 -1.05 20.87
C SER A 335 7.99 -0.06 20.38
N LEU A 340 8.42 8.63 19.43
CA LEU A 340 7.75 9.88 19.18
C LEU A 340 8.64 10.96 18.56
N GLU A 341 9.92 10.65 18.30
CA GLU A 341 10.82 11.65 17.68
C GLU A 341 12.06 11.11 16.94
N ALA A 342 12.25 9.80 16.93
CA ALA A 342 13.44 9.21 16.33
C ALA A 342 13.49 8.50 15.01
N CYS A 343 14.56 8.73 14.25
CA CYS A 343 14.79 8.02 12.99
C CYS A 343 15.55 6.76 13.52
N ALA A 344 14.95 5.60 13.27
CA ALA A 344 15.48 4.32 13.71
C ALA A 344 16.69 3.69 13.06
N PHE A 345 17.32 4.45 12.18
CA PHE A 345 18.50 3.97 11.46
C PHE A 345 19.62 4.96 11.80
C1 NAG B . -6.21 6.06 19.81
C2 NAG B . -6.24 6.91 18.56
C3 NAG B . -5.39 8.21 18.65
C4 NAG B . -5.62 8.97 19.95
C5 NAG B . -5.44 7.93 21.02
C6 NAG B . -5.82 8.54 22.34
C7 NAG B . -6.81 5.67 16.57
C8 NAG B . -6.38 4.73 15.51
N2 NAG B . -5.94 5.98 17.49
O3 NAG B . -5.70 9.11 17.63
O4 NAG B . -4.77 10.09 20.18
O5 NAG B . -6.39 6.93 20.87
O6 NAG B . -7.20 8.77 22.28
O7 NAG B . -7.94 6.11 16.52
C1 NAG B . -5.44 11.27 20.58
C2 NAG B . -4.33 12.18 21.03
C3 NAG B . -4.69 13.64 21.11
C4 NAG B . -5.55 14.04 19.96
C5 NAG B . -6.66 13.02 19.79
C6 NAG B . -7.56 13.36 18.62
C7 NAG B . -2.60 11.48 22.48
C8 NAG B . -2.09 10.76 23.68
N2 NAG B . -3.88 11.75 22.33
O3 NAG B . -3.51 14.34 21.03
O4 NAG B . -6.09 15.31 20.20
O5 NAG B . -6.10 11.80 19.49
O6 NAG B . -7.33 12.41 17.64
O7 NAG B . -1.81 11.80 21.65
C1 NAG C . -14.39 2.11 -4.42
C2 NAG C . -14.90 3.47 -4.84
C3 NAG C . -15.52 3.46 -6.20
C4 NAG C . -14.53 2.98 -7.21
C5 NAG C . -13.81 1.70 -6.70
C6 NAG C . -12.48 1.53 -7.38
C7 NAG C . -15.48 4.69 -2.88
C8 NAG C . -16.25 4.63 -1.63
N2 NAG C . -15.86 3.95 -3.89
O3 NAG C . -15.75 4.78 -6.52
O4 NAG C . -15.25 2.79 -8.41
O5 NAG C . -13.43 1.71 -5.34
O6 NAG C . -11.54 2.57 -7.56
O7 NAG C . -14.53 5.42 -2.90
C1 NAG C . -14.68 3.31 -9.65
C2 NAG C . -15.48 2.73 -10.77
C3 NAG C . -15.43 3.59 -12.02
C4 NAG C . -15.78 5.02 -11.61
C5 NAG C . -14.93 5.44 -10.42
C6 NAG C . -15.31 6.76 -9.81
C7 NAG C . -15.75 0.41 -10.40
C8 NAG C . -15.28 -0.99 -10.44
N2 NAG C . -15.03 1.36 -10.95
O3 NAG C . -16.36 3.14 -12.96
O4 NAG C . -15.64 5.88 -12.73
O5 NAG C . -15.12 4.57 -9.36
O6 NAG C . -15.13 7.05 -8.45
O7 NAG C . -16.82 0.65 -9.88
C1 NAG D . 15.90 11.29 -20.88
C2 NAG D . 14.93 11.43 -22.04
C3 NAG D . 15.26 12.53 -23.06
C4 NAG D . 15.71 13.83 -22.44
C5 NAG D . 16.75 13.41 -21.42
C6 NAG D . 17.14 14.63 -20.67
C7 NAG D . 13.86 9.29 -22.41
C8 NAG D . 13.83 8.04 -23.20
N2 NAG D . 14.81 10.16 -22.71
O3 NAG D . 14.09 12.81 -23.76
O4 NAG D . 16.20 14.75 -23.44
O5 NAG D . 16.18 12.58 -20.45
O6 NAG D . 15.91 15.16 -20.28
O7 NAG D . 13.01 9.45 -21.57
FE FE E . -1.57 2.00 1.47
ZN ZN F . 3.56 23.73 5.27
ZN ZN G . -14.80 8.53 7.54
C CO3 H . -1.65 -0.09 2.88
O1 CO3 H . -0.85 -0.19 1.86
O2 CO3 H . -2.16 1.06 3.19
O3 CO3 H . -1.96 -1.15 3.57
S SO4 I . -25.22 -9.87 5.99
O1 SO4 I . -24.82 -8.47 6.23
O2 SO4 I . -26.53 -10.08 6.64
O3 SO4 I . -25.33 -10.11 4.54
O4 SO4 I . -24.25 -10.81 6.57
C1' 3HB J . -6.87 13.05 3.04
O1' 3HB J . -6.92 13.18 4.17
O2' 3HB J . -7.95 13.32 2.45
C1 3HB J . -5.69 13.03 2.16
C2 3HB J . -4.52 13.72 2.52
C3 3HB J . -3.36 13.62 1.68
C4 3HB J . -3.41 12.86 0.50
C5 3HB J . -4.62 12.19 0.22
C6 3HB J . -5.68 12.22 1.01
O3 3HB J . -2.19 14.19 2.10
#